data_4YS6
#
_entry.id   4YS6
#
_cell.length_a   80.686
_cell.length_b   80.686
_cell.length_c   170.004
_cell.angle_alpha   90.000
_cell.angle_beta   90.000
_cell.angle_gamma   120.000
#
_symmetry.space_group_name_H-M   'P 65 2 2'
#
loop_
_entity.id
_entity.type
_entity.pdbx_description
1 polymer 'Putative solute-binding component of ABC transporter'
2 non-polymer 'CHLORIDE ION'
3 non-polymer beta-D-glucopyranose
4 non-polymer 'SODIUM ION'
5 water water
#
_entity_poly.entity_id   1
_entity_poly.type   'polypeptide(L)'
_entity_poly.pdbx_seq_one_letter_code
;(MSE)HHHHHHSSGVDLGTENLYFQS(MSE)GCGSKATSGKGSDKLVGVA(MSE)PTKDLQRWNQDGSN(MSE)EKQLKD
AGYEVDLQYASNDVQTQVSQIEN(MSE)ISNGCKLLVIASIEGDSLGTVLAQAKKKGISVIAYDRLI(MSE)NSDAVSYY
ATFDNY(MSE)VGTKQGEYIKEKLNLETAKGPFNLEIFTGDPGDNNARFFYGGA(MSE)DVLKPYVDGGVLVVKSGSVAF
EKVATAGWSTETAQNR(MSE)DAIIASYYADGTKLDAVLCSNDSTALGVTNALTASYKGEWPIVTGQDCDIANVKN
(MSE)LDGKQS(MSE)SIFKDTRTLASQVVK(MSE)VDAI(MSE)KGGEAPVNDTKSYDNGNGIVPSYLCEPVFADATNY
KELLIDSGYYTEDQLK
;
_entity_poly.pdbx_strand_id   A
#
# COMPACT_ATOMS: atom_id res chain seq x y z
N LYS A 37 -22.31 -17.51 11.96
CA LYS A 37 -20.89 -17.55 11.63
C LYS A 37 -20.60 -16.82 10.31
N LEU A 38 -21.38 -15.79 10.01
CA LEU A 38 -21.19 -14.98 8.82
C LEU A 38 -20.23 -13.82 9.09
N VAL A 39 -19.24 -13.70 8.22
CA VAL A 39 -18.24 -12.65 8.31
C VAL A 39 -18.29 -11.81 7.05
N GLY A 40 -18.33 -10.48 7.22
CA GLY A 40 -18.33 -9.60 6.07
C GLY A 40 -16.91 -9.16 5.78
N VAL A 41 -16.58 -9.10 4.49
CA VAL A 41 -15.25 -8.70 4.07
C VAL A 41 -15.41 -7.65 3.00
N ALA A 42 -14.97 -6.43 3.32
CA ALA A 42 -15.15 -5.30 2.43
C ALA A 42 -13.80 -4.84 1.86
N PRO A 44 -11.54 -2.56 -1.21
CA PRO A 44 -11.76 -1.26 -1.85
C PRO A 44 -12.06 -1.29 -3.34
N THR A 45 -11.32 -2.10 -4.09
CA THR A 45 -11.47 -2.13 -5.53
C THR A 45 -10.74 -3.33 -6.08
N LYS A 46 -11.15 -3.80 -7.25
CA LYS A 46 -10.43 -4.83 -8.00
C LYS A 46 -9.41 -4.23 -8.97
N ASP A 47 -9.40 -2.91 -9.10
CA ASP A 47 -8.60 -2.23 -10.14
C ASP A 47 -7.17 -1.97 -9.65
N LEU A 48 -6.96 -2.18 -8.35
CA LEU A 48 -5.63 -2.16 -7.76
C LEU A 48 -5.35 -3.62 -7.39
N GLN A 49 -4.27 -4.18 -7.90
CA GLN A 49 -4.21 -5.62 -8.02
C GLN A 49 -4.35 -6.39 -6.72
N ARG A 50 -3.61 -5.97 -5.69
CA ARG A 50 -3.45 -6.82 -4.52
C ARG A 50 -4.79 -7.21 -3.88
N TRP A 51 -5.79 -6.34 -3.95
CA TRP A 51 -7.04 -6.57 -3.21
C TRP A 51 -7.81 -7.73 -3.77
N ASN A 52 -7.52 -8.10 -5.02
CA ASN A 52 -8.06 -9.35 -5.58
C ASN A 52 -7.56 -10.55 -4.81
N GLN A 53 -6.26 -10.52 -4.49
CA GLN A 53 -5.64 -11.58 -3.72
C GLN A 53 -6.04 -11.51 -2.25
N ASP A 54 -6.07 -10.31 -1.69
CA ASP A 54 -6.51 -10.15 -0.31
C ASP A 54 -7.91 -10.76 -0.11
N GLY A 55 -8.83 -10.41 -1.00
CA GLY A 55 -10.21 -10.85 -0.86
C GLY A 55 -10.36 -12.32 -1.06
N SER A 56 -9.70 -12.86 -2.09
CA SER A 56 -9.75 -14.28 -2.35
C SER A 56 -9.13 -15.07 -1.23
N ASN A 57 -8.02 -14.59 -0.70
CA ASN A 57 -7.37 -15.30 0.39
C ASN A 57 -8.20 -15.23 1.67
N GLU A 59 -11.51 -14.95 1.79
CA GLU A 59 -12.65 -15.83 1.58
C GLU A 59 -12.27 -17.30 1.76
N LYS A 60 -11.16 -17.70 1.13
CA LYS A 60 -10.72 -19.09 1.20
C LYS A 60 -10.42 -19.50 2.64
N GLN A 61 -9.67 -18.67 3.36
CA GLN A 61 -9.21 -19.05 4.68
C GLN A 61 -10.35 -18.97 5.69
N LEU A 62 -11.26 -18.01 5.54
CA LEU A 62 -12.45 -18.00 6.40
C LEU A 62 -13.32 -19.24 6.20
N LYS A 63 -13.53 -19.64 4.94
CA LYS A 63 -14.35 -20.82 4.69
C LYS A 63 -13.68 -22.08 5.23
N ASP A 64 -12.36 -22.15 5.11
CA ASP A 64 -11.61 -23.28 5.67
C ASP A 64 -11.75 -23.34 7.19
N ALA A 65 -11.88 -22.18 7.82
CA ALA A 65 -12.01 -22.07 9.27
C ALA A 65 -13.46 -22.25 9.73
N GLY A 66 -14.38 -22.43 8.78
CA GLY A 66 -15.76 -22.73 9.12
C GLY A 66 -16.74 -21.58 9.07
N TYR A 67 -16.32 -20.43 8.55
CA TYR A 67 -17.20 -19.29 8.44
C TYR A 67 -17.88 -19.21 7.09
N GLU A 68 -19.02 -18.52 7.07
CA GLU A 68 -19.67 -18.09 5.84
C GLU A 68 -19.15 -16.68 5.57
N VAL A 69 -19.08 -16.32 4.30
CA VAL A 69 -18.40 -15.08 3.90
C VAL A 69 -19.24 -14.23 2.97
N ASP A 70 -19.31 -12.94 3.26
CA ASP A 70 -19.92 -11.95 2.37
C ASP A 70 -18.81 -11.00 1.92
N LEU A 71 -18.22 -11.31 0.77
CA LEU A 71 -17.11 -10.54 0.20
C LEU A 71 -17.60 -9.56 -0.86
N GLN A 72 -17.27 -8.28 -0.67
N GLN A 72 -17.29 -8.27 -0.69
CA GLN A 72 -17.67 -7.23 -1.59
CA GLN A 72 -17.70 -7.28 -1.68
C GLN A 72 -16.46 -6.41 -1.99
C GLN A 72 -16.58 -6.29 -1.95
N TYR A 73 -16.54 -5.85 -3.20
CA TYR A 73 -15.57 -4.86 -3.68
C TYR A 73 -16.31 -3.59 -4.07
N ALA A 74 -15.71 -2.44 -3.78
CA ALA A 74 -16.43 -1.16 -3.89
C ALA A 74 -16.04 -0.22 -5.06
N SER A 75 -15.19 -0.70 -5.97
N SER A 75 -15.19 -0.71 -5.97
CA SER A 75 -14.79 0.10 -7.13
CA SER A 75 -14.76 0.09 -7.12
C SER A 75 -14.16 1.43 -6.72
C SER A 75 -14.17 1.44 -6.72
N ASN A 76 -13.53 1.47 -5.55
CA ASN A 76 -12.93 2.70 -5.02
C ASN A 76 -13.92 3.86 -4.88
N ASP A 77 -15.19 3.53 -4.73
CA ASP A 77 -16.24 4.52 -4.50
C ASP A 77 -16.68 4.44 -3.04
N VAL A 78 -16.43 5.51 -2.27
CA VAL A 78 -16.69 5.50 -0.83
C VAL A 78 -18.15 5.20 -0.48
N GLN A 79 -19.10 5.80 -1.18
CA GLN A 79 -20.50 5.58 -0.82
C GLN A 79 -20.91 4.14 -1.10
N THR A 80 -20.29 3.52 -2.09
CA THR A 80 -20.55 2.12 -2.38
C THR A 80 -20.06 1.27 -1.23
N GLN A 81 -18.88 1.56 -0.72
CA GLN A 81 -18.36 0.78 0.38
C GLN A 81 -19.22 0.95 1.62
N VAL A 82 -19.69 2.17 1.89
CA VAL A 82 -20.60 2.39 2.99
C VAL A 82 -21.89 1.56 2.84
N SER A 83 -22.49 1.58 1.65
CA SER A 83 -23.70 0.81 1.42
C SER A 83 -23.45 -0.68 1.52
N GLN A 84 -22.28 -1.14 1.08
CA GLN A 84 -21.96 -2.56 1.18
C GLN A 84 -21.86 -3.00 2.63
N ILE A 85 -21.21 -2.19 3.47
CA ILE A 85 -21.12 -2.50 4.89
C ILE A 85 -22.50 -2.47 5.57
N GLU A 86 -23.33 -1.47 5.23
CA GLU A 86 -24.69 -1.45 5.72
C GLU A 86 -25.43 -2.74 5.39
N ASN A 87 -25.24 -3.23 4.17
CA ASN A 87 -25.91 -4.45 3.71
C ASN A 87 -25.38 -5.68 4.42
N ILE A 89 -24.30 -5.75 7.45
CA ILE A 89 -24.87 -5.72 8.79
C ILE A 89 -26.33 -6.21 8.71
N SER A 90 -27.04 -5.77 7.67
CA SER A 90 -28.44 -6.12 7.49
C SER A 90 -28.60 -7.61 7.22
N ASN A 91 -27.62 -8.19 6.54
CA ASN A 91 -27.63 -9.62 6.24
C ASN A 91 -27.20 -10.47 7.41
N GLY A 92 -26.84 -9.83 8.51
CA GLY A 92 -26.52 -10.55 9.74
C GLY A 92 -25.05 -10.92 9.92
N CYS A 93 -24.15 -10.21 9.25
CA CYS A 93 -22.72 -10.42 9.50
C CYS A 93 -22.45 -10.18 10.97
N LYS A 94 -21.64 -11.05 11.57
CA LYS A 94 -21.36 -11.01 13.00
C LYS A 94 -20.03 -10.30 13.31
N LEU A 95 -19.24 -10.07 12.27
CA LEU A 95 -17.91 -9.46 12.37
C LEU A 95 -17.61 -8.87 11.00
N LEU A 96 -16.96 -7.71 10.99
CA LEU A 96 -16.59 -7.04 9.74
C LEU A 96 -15.08 -6.92 9.61
N VAL A 97 -14.58 -7.35 8.47
CA VAL A 97 -13.19 -7.14 8.09
C VAL A 97 -13.20 -6.11 6.99
N ILE A 98 -12.63 -4.93 7.23
CA ILE A 98 -12.79 -3.82 6.30
C ILE A 98 -11.48 -3.21 5.87
N ALA A 99 -11.26 -3.22 4.56
CA ALA A 99 -10.15 -2.51 3.94
C ALA A 99 -10.73 -1.24 3.32
N SER A 100 -10.63 -0.14 4.06
CA SER A 100 -11.35 1.10 3.72
C SER A 100 -10.71 1.84 2.57
N ILE A 101 -11.55 2.51 1.78
CA ILE A 101 -11.05 3.38 0.71
C ILE A 101 -10.51 4.65 1.33
N GLU A 102 -11.35 5.28 2.14
CA GLU A 102 -10.99 6.49 2.86
C GLU A 102 -11.12 6.22 4.35
N GLY A 103 -10.01 6.36 5.07
CA GLY A 103 -9.96 5.97 6.48
C GLY A 103 -10.97 6.64 7.40
N ASP A 104 -11.34 7.88 7.11
CA ASP A 104 -12.29 8.60 7.99
C ASP A 104 -13.74 8.64 7.48
N SER A 105 -14.09 7.83 6.49
CA SER A 105 -15.39 7.91 5.86
C SER A 105 -16.48 6.99 6.39
N LEU A 106 -16.13 6.10 7.32
CA LEU A 106 -17.02 5.01 7.72
C LEU A 106 -17.57 5.19 9.13
N GLY A 107 -17.41 6.36 9.72
CA GLY A 107 -17.78 6.56 11.10
C GLY A 107 -19.24 6.24 11.40
N THR A 108 -20.14 6.67 10.54
CA THR A 108 -21.55 6.45 10.77
C THR A 108 -21.89 4.96 10.74
N VAL A 109 -21.44 4.25 9.72
CA VAL A 109 -21.84 2.87 9.59
C VAL A 109 -21.13 2.01 10.62
N LEU A 110 -19.91 2.38 11.01
CA LEU A 110 -19.26 1.60 12.05
C LEU A 110 -19.89 1.81 13.45
N ALA A 111 -20.50 2.98 13.70
CA ALA A 111 -21.26 3.19 14.91
C ALA A 111 -22.42 2.18 14.97
N GLN A 112 -23.05 1.94 13.83
CA GLN A 112 -24.13 0.95 13.73
C GLN A 112 -23.64 -0.45 14.11
N ALA A 113 -22.46 -0.79 13.64
CA ALA A 113 -21.88 -2.10 13.95
C ALA A 113 -21.59 -2.21 15.44
N LYS A 114 -20.99 -1.15 15.99
CA LYS A 114 -20.65 -1.09 17.40
C LYS A 114 -21.89 -1.25 18.27
N LYS A 115 -22.97 -0.56 17.91
CA LYS A 115 -24.23 -0.66 18.64
C LYS A 115 -24.74 -2.10 18.68
N LYS A 116 -24.52 -2.83 17.59
CA LYS A 116 -24.99 -4.21 17.48
C LYS A 116 -24.01 -5.24 18.04
N GLY A 117 -22.89 -4.78 18.60
CA GLY A 117 -21.86 -5.66 19.13
C GLY A 117 -21.04 -6.38 18.10
N ILE A 118 -21.00 -5.84 16.89
CA ILE A 118 -20.23 -6.41 15.79
C ILE A 118 -18.81 -5.89 15.84
N SER A 119 -17.84 -6.80 16.03
CA SER A 119 -16.43 -6.39 16.02
C SER A 119 -15.96 -5.99 14.64
N VAL A 120 -15.00 -5.06 14.59
CA VAL A 120 -14.44 -4.53 13.36
C VAL A 120 -12.94 -4.69 13.33
N ILE A 121 -12.46 -5.37 12.30
CA ILE A 121 -11.03 -5.49 12.06
C ILE A 121 -10.70 -4.60 10.88
N ALA A 122 -9.81 -3.65 11.10
CA ALA A 122 -9.26 -2.83 10.00
C ALA A 122 -8.23 -3.67 9.29
N TYR A 123 -8.44 -3.86 7.99
CA TYR A 123 -7.60 -4.70 7.16
C TYR A 123 -6.67 -3.83 6.33
N ASP A 124 -5.38 -3.95 6.62
CA ASP A 124 -4.26 -3.30 5.92
C ASP A 124 -4.17 -1.79 6.12
N ARG A 125 -5.30 -1.10 5.93
CA ARG A 125 -5.42 0.34 6.15
C ARG A 125 -6.13 0.63 7.45
N LEU A 126 -5.65 1.60 8.20
CA LEU A 126 -6.27 1.89 9.48
C LEU A 126 -7.55 2.75 9.29
N ILE A 127 -8.60 2.38 10.03
CA ILE A 127 -9.86 3.13 10.06
C ILE A 127 -9.73 4.19 11.13
N ASN A 129 -10.59 7.93 13.37
CA ASN A 129 -11.60 8.70 14.07
C ASN A 129 -12.87 7.93 14.36
N SER A 130 -12.70 6.68 14.77
CA SER A 130 -13.81 5.83 15.18
C SER A 130 -13.45 5.05 16.41
N ASP A 131 -14.35 4.98 17.38
CA ASP A 131 -14.12 4.12 18.54
C ASP A 131 -14.65 2.70 18.34
N ALA A 132 -14.99 2.36 17.11
CA ALA A 132 -15.59 1.06 16.79
C ALA A 132 -14.57 0.04 16.28
N VAL A 133 -13.30 0.44 16.18
CA VAL A 133 -12.27 -0.43 15.58
C VAL A 133 -11.64 -1.28 16.67
N SER A 134 -11.73 -2.61 16.52
CA SER A 134 -11.28 -3.55 17.54
C SER A 134 -9.79 -3.84 17.41
N TYR A 135 -9.40 -4.18 16.18
CA TYR A 135 -8.06 -4.62 15.83
C TYR A 135 -7.67 -4.12 14.46
N TYR A 136 -6.35 -4.13 14.22
CA TYR A 136 -5.75 -3.69 12.96
C TYR A 136 -4.72 -4.76 12.56
N ALA A 137 -4.81 -5.22 11.32
CA ALA A 137 -3.84 -6.15 10.76
C ALA A 137 -3.23 -5.53 9.54
N THR A 138 -1.92 -5.48 9.47
CA THR A 138 -1.26 -4.82 8.35
C THR A 138 0.19 -5.31 8.23
N PHE A 139 0.93 -4.79 7.26
CA PHE A 139 2.37 -4.95 7.21
C PHE A 139 2.98 -3.76 7.92
N ASP A 140 4.26 -3.85 8.25
CA ASP A 140 4.93 -2.73 8.93
C ASP A 140 5.16 -1.62 7.93
N ASN A 141 4.19 -0.70 7.85
CA ASN A 141 4.19 0.29 6.78
C ASN A 141 5.32 1.31 6.89
N TYR A 142 5.69 1.67 8.12
CA TYR A 142 6.83 2.58 8.29
C TYR A 142 8.10 1.92 7.74
N VAL A 144 8.31 -0.33 5.39
CA VAL A 144 8.24 -0.32 3.95
C VAL A 144 8.85 0.98 3.43
N GLY A 145 8.43 2.10 4.00
CA GLY A 145 8.97 3.39 3.61
C GLY A 145 10.47 3.47 3.87
N THR A 146 10.96 3.02 5.01
N THR A 146 10.91 3.05 5.05
CA THR A 146 12.39 3.14 5.24
CA THR A 146 12.34 3.02 5.34
C THR A 146 13.19 2.21 4.32
C THR A 146 13.11 2.27 4.25
N LYS A 147 12.61 1.10 3.88
CA LYS A 147 13.34 0.27 2.91
C LYS A 147 13.45 0.99 1.57
N GLN A 148 12.40 1.69 1.18
CA GLN A 148 12.43 2.42 -0.10
C GLN A 148 13.42 3.58 -0.04
N GLY A 149 13.42 4.29 1.08
CA GLY A 149 14.38 5.37 1.29
C GLY A 149 15.81 4.89 1.35
N GLU A 150 16.05 3.80 2.08
CA GLU A 150 17.41 3.27 2.22
C GLU A 150 17.93 2.76 0.89
N TYR A 151 17.02 2.25 0.05
CA TYR A 151 17.43 1.75 -1.27
C TYR A 151 17.98 2.90 -2.11
N ILE A 152 17.25 4.02 -2.15
CA ILE A 152 17.69 5.19 -2.88
C ILE A 152 18.97 5.75 -2.28
N LYS A 153 19.02 5.85 -0.95
CA LYS A 153 20.22 6.34 -0.26
C LYS A 153 21.47 5.50 -0.61
N GLU A 154 21.31 4.18 -0.63
CA GLU A 154 22.41 3.28 -0.97
C GLU A 154 22.80 3.42 -2.43
N LYS A 155 21.85 3.43 -3.35
CA LYS A 155 22.21 3.41 -4.77
C LYS A 155 22.73 4.75 -5.25
N LEU A 156 22.36 5.83 -4.57
CA LEU A 156 22.88 7.16 -4.91
C LEU A 156 24.13 7.52 -4.09
N ASN A 157 24.58 6.59 -3.24
CA ASN A 157 25.77 6.79 -2.43
C ASN A 157 25.66 8.08 -1.62
N LEU A 158 24.49 8.34 -1.04
CA LEU A 158 24.30 9.62 -0.38
C LEU A 158 25.21 9.83 0.81
N GLU A 159 25.68 8.77 1.45
CA GLU A 159 26.56 8.96 2.62
C GLU A 159 27.89 9.57 2.24
N THR A 160 28.24 9.47 0.96
CA THR A 160 29.55 9.90 0.51
C THR A 160 29.58 10.82 -0.71
N ALA A 161 28.43 11.04 -1.36
CA ALA A 161 28.44 11.78 -2.62
C ALA A 161 28.04 13.24 -2.39
N LYS A 162 28.63 14.12 -3.18
CA LYS A 162 28.27 15.54 -3.13
C LYS A 162 26.93 15.76 -3.83
N GLY A 163 26.68 14.97 -4.86
CA GLY A 163 25.56 15.23 -5.75
C GLY A 163 25.81 16.54 -6.46
N PRO A 164 24.74 17.25 -6.85
CA PRO A 164 23.35 16.90 -6.57
C PRO A 164 22.83 15.77 -7.44
N PHE A 165 21.80 15.13 -6.93
CA PHE A 165 21.00 14.15 -7.66
C PHE A 165 19.57 14.63 -7.74
N ASN A 166 18.92 14.37 -8.85
CA ASN A 166 17.54 14.81 -9.08
C ASN A 166 16.56 13.72 -8.67
N LEU A 167 15.61 14.10 -7.83
CA LEU A 167 14.62 13.20 -7.27
C LEU A 167 13.21 13.68 -7.57
N GLU A 168 12.28 12.79 -7.88
CA GLU A 168 10.86 13.12 -7.81
C GLU A 168 10.16 12.08 -6.93
N ILE A 169 8.97 12.44 -6.43
CA ILE A 169 8.32 11.66 -5.38
C ILE A 169 6.84 11.47 -5.72
N PHE A 170 6.38 10.24 -5.60
CA PHE A 170 4.97 9.87 -5.82
C PHE A 170 4.50 9.02 -4.67
N THR A 171 3.55 9.50 -3.87
CA THR A 171 2.97 8.65 -2.84
C THR A 171 1.48 8.39 -3.11
N GLY A 172 0.80 7.83 -2.13
CA GLY A 172 -0.53 7.31 -2.34
C GLY A 172 -1.62 8.30 -2.06
N ASP A 173 -2.83 7.77 -1.88
CA ASP A 173 -4.01 8.62 -1.73
C ASP A 173 -3.99 9.26 -0.35
N PRO A 174 -4.35 10.55 -0.28
CA PRO A 174 -4.30 11.21 1.04
C PRO A 174 -5.34 10.69 2.05
N GLY A 175 -6.32 9.93 1.59
CA GLY A 175 -7.32 9.36 2.48
C GLY A 175 -6.92 8.00 3.02
N ASP A 176 -5.74 7.53 2.62
CA ASP A 176 -5.17 6.26 3.07
C ASP A 176 -4.08 6.51 4.10
N ASN A 177 -4.36 6.18 5.35
CA ASN A 177 -3.39 6.42 6.42
C ASN A 177 -2.06 5.75 6.13
N ASN A 178 -2.07 4.64 5.40
CA ASN A 178 -0.81 4.01 5.05
C ASN A 178 0.13 4.89 4.25
N ALA A 179 -0.42 5.76 3.42
CA ALA A 179 0.41 6.59 2.56
C ALA A 179 1.28 7.49 3.44
N ARG A 180 0.73 7.95 4.57
CA ARG A 180 1.46 8.79 5.51
C ARG A 180 2.68 8.06 6.06
N PHE A 181 2.48 6.79 6.35
CA PHE A 181 3.55 5.96 6.85
C PHE A 181 4.59 5.60 5.80
N PHE A 182 4.18 5.28 4.57
CA PHE A 182 5.16 4.99 3.53
C PHE A 182 6.02 6.25 3.26
N TYR A 183 5.35 7.41 3.19
CA TYR A 183 6.03 8.69 2.95
C TYR A 183 6.94 9.02 4.13
N GLY A 184 6.43 8.86 5.34
CA GLY A 184 7.18 9.21 6.53
C GLY A 184 8.42 8.37 6.68
N GLY A 185 8.30 7.06 6.44
CA GLY A 185 9.44 6.18 6.53
C GLY A 185 10.52 6.53 5.52
N ALA A 186 10.13 6.78 4.28
CA ALA A 186 11.09 7.10 3.23
C ALA A 186 11.73 8.46 3.49
N ASP A 188 12.06 9.99 6.36
CA ASP A 188 12.91 9.97 7.55
C ASP A 188 14.35 9.61 7.12
N VAL A 189 14.49 8.82 6.07
CA VAL A 189 15.80 8.49 5.50
C VAL A 189 16.34 9.60 4.60
N LEU A 190 15.49 10.14 3.73
CA LEU A 190 15.95 10.98 2.63
C LEU A 190 15.88 12.47 2.91
N LYS A 191 15.00 12.90 3.79
CA LYS A 191 14.76 14.35 3.93
C LYS A 191 16.03 15.11 4.30
N PRO A 192 16.89 14.53 5.16
CA PRO A 192 18.14 15.22 5.49
C PRO A 192 19.00 15.57 4.28
N TYR A 193 18.94 14.75 3.24
CA TYR A 193 19.71 14.98 2.02
C TYR A 193 19.02 15.96 1.08
N VAL A 194 17.70 16.04 1.15
CA VAL A 194 17.01 17.10 0.43
C VAL A 194 17.35 18.42 1.12
N ASP A 195 17.27 18.44 2.46
CA ASP A 195 17.61 19.65 3.22
C ASP A 195 19.06 20.08 2.99
N GLY A 196 19.95 19.12 2.82
CA GLY A 196 21.35 19.39 2.59
C GLY A 196 21.71 19.73 1.15
N GLY A 197 20.73 19.73 0.25
CA GLY A 197 20.97 20.08 -1.14
C GLY A 197 21.64 18.98 -1.95
N VAL A 198 21.73 17.80 -1.37
CA VAL A 198 22.35 16.67 -2.06
C VAL A 198 21.32 16.06 -3.03
N LEU A 199 20.07 16.03 -2.59
CA LEU A 199 18.92 15.69 -3.44
C LEU A 199 18.14 16.95 -3.79
N VAL A 200 17.86 17.09 -5.08
CA VAL A 200 17.14 18.23 -5.61
C VAL A 200 15.87 17.75 -6.26
N VAL A 201 14.74 18.30 -5.84
CA VAL A 201 13.47 17.93 -6.46
C VAL A 201 13.11 19.06 -7.42
N LYS A 202 13.36 18.86 -8.72
CA LYS A 202 13.24 19.96 -9.65
C LYS A 202 11.83 20.55 -9.75
N SER A 203 10.82 19.68 -9.61
CA SER A 203 9.41 20.12 -9.63
C SER A 203 9.03 20.94 -8.40
N GLY A 204 9.85 20.86 -7.36
CA GLY A 204 9.56 21.52 -6.08
C GLY A 204 8.51 20.82 -5.21
N SER A 205 7.96 19.70 -5.69
CA SER A 205 6.94 18.99 -4.93
C SER A 205 7.56 17.97 -4.00
N VAL A 206 7.58 18.30 -2.72
CA VAL A 206 8.16 17.44 -1.71
C VAL A 206 7.15 17.09 -0.62
N ALA A 207 6.37 18.08 -0.21
CA ALA A 207 5.36 17.89 0.82
C ALA A 207 4.35 16.82 0.46
N PHE A 208 3.86 16.11 1.48
CA PHE A 208 2.95 14.99 1.29
C PHE A 208 1.78 15.38 0.40
N GLU A 209 1.19 16.53 0.69
CA GLU A 209 0.04 17.02 -0.07
C GLU A 209 0.33 17.18 -1.55
N LYS A 210 1.55 17.57 -1.87
CA LYS A 210 1.93 17.85 -3.26
C LYS A 210 2.30 16.58 -4.04
N VAL A 211 2.71 15.53 -3.35
CA VAL A 211 3.18 14.31 -4.03
C VAL A 211 2.20 13.14 -3.96
N ALA A 212 1.10 13.32 -3.23
CA ALA A 212 0.08 12.31 -3.08
C ALA A 212 -0.62 12.05 -4.40
N THR A 213 -0.98 10.81 -4.66
CA THR A 213 -1.62 10.42 -5.91
C THR A 213 -3.03 9.95 -5.63
N ALA A 214 -4.02 10.73 -6.06
CA ALA A 214 -5.42 10.37 -5.85
C ALA A 214 -5.78 8.96 -6.30
N GLY A 215 -6.43 8.20 -5.40
CA GLY A 215 -6.84 6.85 -5.68
C GLY A 215 -5.74 5.85 -5.93
N TRP A 216 -4.49 6.22 -5.63
CA TRP A 216 -3.34 5.40 -5.98
C TRP A 216 -3.31 5.10 -7.48
N SER A 217 -3.87 6.03 -8.25
CA SER A 217 -4.14 5.79 -9.66
C SER A 217 -2.89 5.79 -10.55
N THR A 218 -2.71 4.69 -11.27
CA THR A 218 -1.66 4.60 -12.27
C THR A 218 -1.78 5.71 -13.29
N GLU A 219 -3.00 5.98 -13.77
CA GLU A 219 -3.19 6.99 -14.80
C GLU A 219 -2.85 8.38 -14.29
N THR A 220 -3.26 8.68 -13.06
CA THR A 220 -2.96 9.97 -12.45
C THR A 220 -1.44 10.16 -12.28
N ALA A 221 -0.77 9.11 -11.83
CA ALA A 221 0.69 9.16 -11.71
C ALA A 221 1.35 9.38 -13.05
N GLN A 222 0.88 8.66 -14.06
CA GLN A 222 1.45 8.79 -15.40
C GLN A 222 1.30 10.22 -15.93
N ASN A 223 0.13 10.81 -15.75
CA ASN A 223 -0.15 12.15 -16.24
C ASN A 223 0.74 13.18 -15.53
N ARG A 224 0.92 13.03 -14.23
CA ARG A 224 1.78 13.94 -13.49
C ARG A 224 3.25 13.76 -13.90
N ASP A 226 4.34 12.69 -16.76
CA ASP A 226 4.51 13.24 -18.10
C ASP A 226 4.71 14.76 -18.08
N ALA A 227 3.98 15.42 -17.21
CA ALA A 227 4.07 16.87 -17.09
C ALA A 227 5.38 17.28 -16.46
N ILE A 228 5.85 16.50 -15.50
CA ILE A 228 7.15 16.76 -14.89
C ILE A 228 8.29 16.55 -15.91
N ILE A 229 8.24 15.47 -16.68
CA ILE A 229 9.26 15.25 -17.72
C ILE A 229 9.31 16.44 -18.68
N ALA A 230 8.16 16.85 -19.17
CA ALA A 230 8.07 17.91 -20.18
C ALA A 230 8.56 19.24 -19.63
N SER A 231 8.31 19.50 -18.36
CA SER A 231 8.64 20.80 -17.75
C SER A 231 10.07 20.88 -17.26
N TYR A 232 10.63 19.78 -16.77
CA TYR A 232 11.90 19.82 -16.05
C TYR A 232 12.99 18.87 -16.52
N TYR A 233 12.65 17.86 -17.31
CA TYR A 233 13.63 16.84 -17.71
C TYR A 233 13.58 16.59 -19.22
N ALA A 234 13.28 17.63 -19.97
CA ALA A 234 13.15 17.53 -21.43
C ALA A 234 14.44 18.00 -22.07
N ASP A 235 15.19 18.77 -21.29
CA ASP A 235 16.54 19.15 -21.65
C ASP A 235 17.46 17.99 -21.25
N GLY A 236 18.74 18.28 -21.09
CA GLY A 236 19.70 17.24 -20.79
C GLY A 236 19.61 16.67 -19.39
N THR A 237 18.70 17.19 -18.57
CA THR A 237 18.70 16.86 -17.14
C THR A 237 18.40 15.38 -16.92
N LYS A 238 19.29 14.74 -16.18
CA LYS A 238 19.08 13.36 -15.76
C LYS A 238 18.18 13.33 -14.54
N LEU A 239 17.17 12.49 -14.60
CA LEU A 239 16.36 12.17 -13.45
C LEU A 239 17.03 10.98 -12.78
N ASP A 240 17.51 11.16 -11.56
CA ASP A 240 18.34 10.13 -10.93
C ASP A 240 17.52 9.10 -10.16
N ALA A 241 16.40 9.54 -9.55
CA ALA A 241 15.56 8.63 -8.80
C ALA A 241 14.13 9.11 -8.74
N VAL A 242 13.20 8.14 -8.76
CA VAL A 242 11.80 8.43 -8.44
C VAL A 242 11.37 7.54 -7.27
N LEU A 243 11.10 8.17 -6.15
CA LEU A 243 10.55 7.49 -5.00
C LEU A 243 9.07 7.31 -5.23
N CYS A 244 8.68 6.07 -5.49
CA CYS A 244 7.26 5.72 -5.63
C CYS A 244 6.90 4.85 -4.46
N SER A 245 5.82 5.20 -3.76
CA SER A 245 5.42 4.44 -2.58
C SER A 245 4.84 3.08 -2.90
N ASN A 246 4.37 2.84 -4.13
CA ASN A 246 3.87 1.51 -4.46
C ASN A 246 3.96 1.21 -5.93
N ASP A 247 3.52 0.02 -6.29
CA ASP A 247 3.62 -0.40 -7.68
C ASP A 247 2.62 0.30 -8.61
N SER A 248 1.39 0.61 -8.18
CA SER A 248 0.47 1.24 -9.11
C SER A 248 0.98 2.63 -9.49
N THR A 249 1.59 3.36 -8.56
CA THR A 249 2.16 4.65 -8.93
C THR A 249 3.44 4.47 -9.74
N ALA A 250 4.28 3.51 -9.36
CA ALA A 250 5.48 3.24 -10.14
C ALA A 250 5.17 2.88 -11.59
N LEU A 251 4.11 2.11 -11.80
CA LEU A 251 3.73 1.73 -13.15
C LEU A 251 3.40 2.95 -14.03
N GLY A 252 2.70 3.92 -13.45
CA GLY A 252 2.37 5.15 -14.15
C GLY A 252 3.62 5.92 -14.46
N VAL A 253 4.50 6.00 -13.48
CA VAL A 253 5.79 6.67 -13.67
C VAL A 253 6.58 6.00 -14.79
N THR A 254 6.75 4.69 -14.75
CA THR A 254 7.53 4.03 -15.80
C THR A 254 6.84 4.11 -17.17
N ASN A 255 5.51 4.09 -17.22
CA ASN A 255 4.81 4.33 -18.49
C ASN A 255 5.19 5.69 -19.08
N ALA A 256 5.22 6.72 -18.24
CA ALA A 256 5.57 8.06 -18.71
C ALA A 256 7.01 8.15 -19.13
N LEU A 257 7.90 7.55 -18.35
CA LEU A 257 9.33 7.61 -18.66
C LEU A 257 9.57 6.91 -19.99
N THR A 258 8.91 5.77 -20.21
CA THR A 258 9.04 5.05 -21.47
C THR A 258 8.61 5.92 -22.63
N ALA A 259 7.48 6.60 -22.45
CA ALA A 259 6.89 7.39 -23.52
C ALA A 259 7.71 8.61 -23.88
N SER A 260 8.25 9.30 -22.88
CA SER A 260 8.68 10.69 -23.09
C SER A 260 10.06 11.07 -22.60
N TYR A 261 10.67 10.27 -21.74
CA TYR A 261 11.95 10.66 -21.16
C TYR A 261 13.09 10.08 -21.96
N LYS A 262 14.10 10.90 -22.25
CA LYS A 262 15.19 10.48 -23.13
C LYS A 262 16.53 10.31 -22.41
N GLY A 263 16.55 10.46 -21.09
CA GLY A 263 17.80 10.34 -20.35
C GLY A 263 18.10 8.93 -19.84
N GLU A 264 19.17 8.82 -19.05
CA GLU A 264 19.49 7.54 -18.40
C GLU A 264 18.41 7.21 -17.38
N TRP A 265 17.99 5.95 -17.37
CA TRP A 265 16.89 5.48 -16.54
C TRP A 265 17.13 5.71 -15.04
N PRO A 266 16.14 6.27 -14.31
CA PRO A 266 16.28 6.49 -12.88
C PRO A 266 16.06 5.24 -12.04
N ILE A 267 16.52 5.31 -10.80
CA ILE A 267 16.03 4.42 -9.76
C ILE A 267 14.51 4.59 -9.65
N VAL A 268 13.79 3.48 -9.66
CA VAL A 268 12.33 3.51 -9.43
C VAL A 268 11.97 2.46 -8.39
N THR A 269 11.38 2.91 -7.29
CA THR A 269 10.95 2.03 -6.21
C THR A 269 9.48 1.65 -6.36
N GLY A 270 9.01 0.76 -5.49
CA GLY A 270 7.63 0.36 -5.49
C GLY A 270 7.30 -0.53 -4.32
N GLN A 271 6.13 -1.12 -4.39
CA GLN A 271 5.64 -2.03 -3.37
C GLN A 271 4.44 -2.82 -3.91
N ASP A 272 4.43 -4.12 -3.58
CA ASP A 272 3.32 -5.09 -3.75
C ASP A 272 3.70 -6.24 -4.70
N CYS A 273 4.73 -6.04 -5.52
CA CYS A 273 5.08 -6.99 -6.56
C CYS A 273 3.87 -7.32 -7.45
N ASP A 274 3.15 -6.29 -7.88
CA ASP A 274 2.14 -6.48 -8.92
C ASP A 274 2.78 -7.13 -10.14
N ILE A 275 2.01 -7.91 -10.87
CA ILE A 275 2.54 -8.65 -12.01
C ILE A 275 3.13 -7.71 -13.07
N ALA A 276 2.44 -6.63 -13.40
CA ALA A 276 2.93 -5.69 -14.39
C ALA A 276 4.32 -5.16 -14.00
N ASN A 277 4.46 -4.84 -12.72
CA ASN A 277 5.72 -4.29 -12.22
C ASN A 277 6.82 -5.32 -12.16
N VAL A 278 6.49 -6.56 -11.83
CA VAL A 278 7.51 -7.62 -11.86
C VAL A 278 8.04 -7.79 -13.28
N LYS A 279 7.15 -7.82 -14.26
CA LYS A 279 7.59 -7.90 -15.64
C LYS A 279 8.48 -6.71 -16.02
N ASN A 280 8.12 -5.51 -15.55
CA ASN A 280 8.99 -4.34 -15.78
C ASN A 280 10.35 -4.50 -15.10
N LEU A 282 11.95 -7.25 -14.67
CA LEU A 282 12.71 -8.18 -15.51
C LEU A 282 13.27 -7.51 -16.78
N ASP A 283 12.66 -6.39 -17.17
CA ASP A 283 13.12 -5.62 -18.35
C ASP A 283 13.93 -4.42 -17.94
N GLY A 284 14.27 -4.32 -16.67
CA GLY A 284 15.14 -3.26 -16.20
C GLY A 284 14.45 -1.91 -16.01
N LYS A 285 13.13 -1.91 -15.95
CA LYS A 285 12.38 -0.64 -15.88
C LYS A 285 11.94 -0.25 -14.47
N GLN A 286 12.07 -1.15 -13.53
CA GLN A 286 11.80 -0.84 -12.13
C GLN A 286 12.92 -1.50 -11.31
N SER A 287 13.42 -0.79 -10.32
CA SER A 287 14.60 -1.26 -9.57
C SER A 287 14.31 -2.33 -8.53
N SER A 289 10.90 -3.79 -5.62
CA SER A 289 9.58 -3.69 -5.06
C SER A 289 9.65 -4.31 -3.67
N ILE A 290 8.53 -4.31 -2.99
CA ILE A 290 8.44 -4.86 -1.64
C ILE A 290 7.37 -5.91 -1.72
N PHE A 291 7.68 -7.12 -1.27
CA PHE A 291 6.73 -8.21 -1.29
C PHE A 291 6.03 -8.28 0.05
N LYS A 292 4.70 -8.20 -0.02
CA LYS A 292 3.83 -8.32 1.12
C LYS A 292 2.88 -9.51 0.83
N ASP A 293 3.12 -10.62 1.52
CA ASP A 293 2.41 -11.85 1.19
C ASP A 293 0.98 -11.75 1.75
N THR A 294 0.02 -11.45 0.88
CA THR A 294 -1.37 -11.27 1.34
C THR A 294 -1.94 -12.54 1.97
N ARG A 295 -1.38 -13.71 1.67
CA ARG A 295 -1.88 -14.95 2.25
C ARG A 295 -1.59 -14.95 3.75
N THR A 296 -0.43 -14.39 4.11
CA THR A 296 0.00 -14.31 5.49
C THR A 296 -0.84 -13.33 6.27
N LEU A 297 -1.10 -12.19 5.66
CA LEU A 297 -1.97 -11.19 6.30
C LEU A 297 -3.35 -11.80 6.53
N ALA A 298 -3.91 -12.46 5.52
CA ALA A 298 -5.21 -13.09 5.66
C ALA A 298 -5.20 -14.13 6.77
N SER A 299 -4.12 -14.90 6.87
CA SER A 299 -4.00 -15.90 7.92
C SER A 299 -4.05 -15.27 9.30
N GLN A 300 -3.40 -14.14 9.46
CA GLN A 300 -3.36 -13.46 10.75
C GLN A 300 -4.74 -12.91 11.08
N VAL A 301 -5.43 -12.39 10.07
CA VAL A 301 -6.77 -11.88 10.30
C VAL A 301 -7.73 -13.01 10.71
N VAL A 302 -7.65 -14.17 10.07
CA VAL A 302 -8.52 -15.28 10.44
C VAL A 302 -8.21 -15.73 11.87
N LYS A 303 -6.95 -15.68 12.31
CA LYS A 303 -6.64 -15.95 13.72
C LYS A 303 -7.37 -14.97 14.66
N VAL A 305 -10.23 -13.37 13.90
CA VAL A 305 -11.64 -13.71 13.80
C VAL A 305 -11.97 -14.90 14.70
N ASP A 306 -11.12 -15.91 14.65
CA ASP A 306 -11.29 -17.07 15.51
C ASP A 306 -11.24 -16.69 17.00
N ALA A 307 -10.30 -15.83 17.36
CA ALA A 307 -10.14 -15.42 18.74
C ALA A 307 -11.41 -14.73 19.23
N ILE A 308 -11.95 -13.87 18.36
CA ILE A 308 -13.14 -13.10 18.70
C ILE A 308 -14.41 -13.96 18.72
N LYS A 310 -14.77 -17.52 18.38
CA LYS A 310 -14.73 -18.82 19.06
C LYS A 310 -14.07 -18.76 20.44
N GLY A 311 -13.19 -17.78 20.65
CA GLY A 311 -12.49 -17.66 21.92
C GLY A 311 -10.99 -17.70 21.78
N GLY A 312 -10.34 -16.86 22.57
CA GLY A 312 -8.90 -16.75 22.58
C GLY A 312 -8.38 -15.33 22.49
N GLU A 313 -7.06 -15.22 22.55
CA GLU A 313 -6.34 -13.97 22.38
C GLU A 313 -6.14 -13.69 20.91
N ALA A 314 -6.61 -12.54 20.46
CA ALA A 314 -6.37 -12.13 19.08
C ALA A 314 -4.89 -11.78 18.95
N PRO A 315 -4.20 -12.35 17.95
CA PRO A 315 -2.76 -12.08 17.92
C PRO A 315 -2.45 -10.61 17.61
N VAL A 316 -1.64 -10.00 18.46
CA VAL A 316 -1.16 -8.65 18.24
C VAL A 316 0.31 -8.59 18.59
N ASN A 317 1.05 -7.73 17.91
CA ASN A 317 2.45 -7.54 18.23
C ASN A 317 2.86 -6.08 18.30
N ASP A 318 1.88 -5.18 18.30
CA ASP A 318 2.16 -3.75 18.36
C ASP A 318 0.92 -3.03 18.86
N THR A 319 1.04 -2.44 20.03
CA THR A 319 -0.01 -1.54 20.54
C THR A 319 0.66 -0.24 20.94
N LYS A 320 1.40 0.35 20.00
CA LYS A 320 2.13 1.58 20.24
C LYS A 320 2.30 2.44 18.96
N SER A 321 2.20 1.82 17.79
CA SER A 321 2.52 2.52 16.55
C SER A 321 1.34 3.20 15.89
N TYR A 322 0.15 2.64 16.06
CA TYR A 322 -1.01 3.09 15.29
C TYR A 322 -2.10 3.65 16.18
N ASP A 323 -2.16 4.98 16.20
CA ASP A 323 -3.22 5.73 16.86
C ASP A 323 -4.19 6.15 15.79
N ASN A 324 -5.44 5.76 15.89
CA ASN A 324 -6.37 6.05 14.80
C ASN A 324 -7.10 7.38 14.99
N GLY A 325 -6.70 8.17 15.95
CA GLY A 325 -7.35 9.44 16.24
C GLY A 325 -8.24 9.35 17.47
N ASN A 326 -8.82 8.18 17.72
CA ASN A 326 -9.51 7.94 18.97
C ASN A 326 -8.58 7.29 19.99
N GLY A 327 -7.56 6.60 19.53
CA GLY A 327 -6.61 6.03 20.46
C GLY A 327 -5.82 4.93 19.81
N ILE A 328 -4.94 4.31 20.58
CA ILE A 328 -4.12 3.22 20.06
C ILE A 328 -4.98 2.01 19.69
N VAL A 329 -4.76 1.45 18.51
CA VAL A 329 -5.50 0.27 18.09
C VAL A 329 -4.56 -0.93 18.17
N PRO A 330 -4.95 -1.98 18.89
CA PRO A 330 -4.05 -3.15 18.98
C PRO A 330 -3.86 -3.74 17.61
N SER A 331 -2.59 -3.92 17.22
CA SER A 331 -2.26 -4.28 15.85
C SER A 331 -1.36 -5.48 15.73
N TYR A 332 -1.47 -6.14 14.58
CA TYR A 332 -0.48 -7.14 14.19
C TYR A 332 0.17 -6.66 12.92
N LEU A 333 1.49 -6.48 12.99
CA LEU A 333 2.30 -6.03 11.86
C LEU A 333 3.11 -7.19 11.29
N CYS A 334 2.78 -7.58 10.07
CA CYS A 334 3.56 -8.58 9.34
C CYS A 334 4.80 -7.94 8.70
N GLU A 335 5.79 -8.76 8.39
CA GLU A 335 7.06 -8.27 7.88
C GLU A 335 7.08 -8.16 6.34
N PRO A 336 7.39 -6.96 5.81
CA PRO A 336 7.52 -6.80 4.36
C PRO A 336 8.91 -7.22 3.94
N VAL A 337 9.06 -7.69 2.69
CA VAL A 337 10.33 -8.27 2.24
C VAL A 337 10.81 -7.57 1.00
N PHE A 338 12.09 -7.20 0.99
CA PHE A 338 12.68 -6.59 -0.20
C PHE A 338 12.69 -7.57 -1.38
N ALA A 339 12.19 -7.11 -2.53
CA ALA A 339 12.22 -7.90 -3.73
C ALA A 339 12.88 -7.18 -4.91
N ASP A 340 13.68 -7.91 -5.67
CA ASP A 340 14.13 -7.39 -6.94
C ASP A 340 14.29 -8.55 -7.90
N ALA A 341 14.86 -8.29 -9.06
CA ALA A 341 14.83 -9.32 -10.08
C ALA A 341 15.74 -10.48 -9.75
N THR A 342 16.67 -10.29 -8.82
CA THR A 342 17.53 -11.38 -8.41
C THR A 342 16.92 -12.32 -7.36
N ASN A 343 15.83 -11.93 -6.69
CA ASN A 343 15.21 -12.87 -5.75
C ASN A 343 13.72 -13.06 -5.99
N TYR A 344 13.15 -12.45 -7.04
CA TYR A 344 11.72 -12.56 -7.25
C TYR A 344 11.27 -14.01 -7.45
N LYS A 345 12.08 -14.87 -8.06
CA LYS A 345 11.57 -16.22 -8.34
C LYS A 345 11.41 -16.97 -7.04
N GLU A 346 12.43 -16.88 -6.17
CA GLU A 346 12.32 -17.50 -4.86
C GLU A 346 11.17 -16.94 -4.03
N LEU A 347 10.98 -15.62 -4.05
CA LEU A 347 9.96 -15.00 -3.25
C LEU A 347 8.56 -15.23 -3.75
N LEU A 348 8.38 -15.20 -5.07
CA LEU A 348 7.04 -15.16 -5.66
C LEU A 348 6.59 -16.47 -6.32
N ILE A 349 7.52 -17.20 -6.89
CA ILE A 349 7.18 -18.43 -7.61
C ILE A 349 7.39 -19.65 -6.72
N ASP A 350 8.54 -19.75 -6.07
CA ASP A 350 8.84 -20.93 -5.25
C ASP A 350 7.98 -20.95 -3.98
N SER A 351 7.44 -19.79 -3.61
CA SER A 351 6.51 -19.63 -2.49
C SER A 351 5.06 -19.92 -2.86
N GLY A 352 4.81 -20.05 -4.15
CA GLY A 352 3.49 -20.38 -4.64
C GLY A 352 2.60 -19.17 -4.78
N TYR A 353 3.17 -17.98 -4.61
CA TYR A 353 2.32 -16.79 -4.70
C TYR A 353 1.78 -16.57 -6.11
N TYR A 354 2.66 -16.65 -7.10
CA TYR A 354 2.31 -16.58 -8.50
C TYR A 354 2.69 -17.90 -9.18
N THR A 355 2.08 -18.17 -10.34
CA THR A 355 2.52 -19.28 -11.18
C THR A 355 3.51 -18.72 -12.18
N GLU A 356 4.35 -19.59 -12.74
CA GLU A 356 5.38 -19.12 -13.66
C GLU A 356 4.73 -18.52 -14.91
N ASP A 357 3.55 -18.99 -15.27
CA ASP A 357 2.87 -18.49 -16.47
C ASP A 357 2.46 -17.03 -16.26
N GLN A 358 2.12 -16.67 -15.03
CA GLN A 358 1.71 -15.31 -14.73
C GLN A 358 2.79 -14.29 -15.03
N LEU A 359 4.06 -14.69 -14.94
CA LEU A 359 5.15 -13.74 -15.06
C LEU A 359 5.76 -13.83 -16.45
N LYS A 360 4.99 -14.35 -17.39
CA LYS A 360 5.32 -14.27 -18.82
C LYS A 360 4.20 -13.56 -19.56
#